data_1RWR
#
_entry.id   1RWR
#
_cell.length_a   108.980
_cell.length_b   43.040
_cell.length_c   53.800
_cell.angle_alpha   90.00
_cell.angle_beta   104.07
_cell.angle_gamma   90.00
#
_symmetry.space_group_name_H-M   'C 1 2 1'
#
loop_
_entity.id
_entity.type
_entity.pdbx_description
1 polymer 'Filamentous hemagglutinin'
2 water water
#
_entity_poly.entity_id   1
_entity_poly.type   'polypeptide(L)'
_entity_poly.pdbx_seq_one_letter_code
;QGLVPQGQTQVLQGGNKVPVVNIADPNSGGVSHNKFQQFNVANPGVVFNNGLTDGVSRIGGALTKNPNLTRQASAILAEV
TDTSPSRLAGTLEVYGKGADLIIANPNGISVNGLSTLNASNLTLTTGRPSVNGGRIGLDVQQGTVTIERGGVNATGLGYF
DVVARLVKLQGAVSSKQGKPLADIAVVAGANRYDHATRRATPIAAGARGAAAGAYAIDGTAAGAMYGKHITLVSSDSGLG
VRQLGSLSSPSAITVSSQGEIALGDATVQRGPLSLKGAGVVSAGKLASGGGAVNVAGGGAV
;
_entity_poly.pdbx_strand_id   A
#
# COMPACT_ATOMS: atom_id res chain seq x y z
N GLN A 1 -12.04 -17.20 -1.45
CA GLN A 1 -10.86 -17.02 -2.34
C GLN A 1 -11.13 -15.95 -3.38
N GLY A 2 -12.34 -15.40 -3.32
CA GLY A 2 -12.84 -14.49 -4.31
C GLY A 2 -13.26 -13.18 -3.70
N LEU A 3 -14.38 -12.65 -4.18
CA LEU A 3 -14.91 -11.36 -3.74
C LEU A 3 -16.31 -11.56 -3.21
N VAL A 4 -16.49 -11.34 -1.92
CA VAL A 4 -17.78 -11.50 -1.27
C VAL A 4 -18.08 -10.22 -0.52
N PRO A 5 -18.91 -9.37 -1.11
CA PRO A 5 -19.21 -8.08 -0.47
C PRO A 5 -20.22 -8.20 0.66
N GLN A 6 -20.29 -7.12 1.41
CA GLN A 6 -21.28 -6.91 2.46
C GLN A 6 -21.96 -5.56 2.29
N GLY A 7 -23.16 -5.42 2.87
CA GLY A 7 -23.90 -4.17 2.86
C GLY A 7 -24.36 -3.77 1.47
N GLN A 8 -24.21 -2.48 1.13
CA GLN A 8 -24.72 -1.98 -0.17
C GLN A 8 -23.78 -2.34 -1.33
N THR A 9 -22.52 -2.68 -1.01
CA THR A 9 -21.56 -3.06 -2.04
C THR A 9 -22.04 -4.29 -2.83
N GLN A 10 -22.00 -4.21 -4.15
CA GLN A 10 -22.26 -5.37 -4.99
C GLN A 10 -21.09 -5.66 -5.88
N VAL A 11 -20.95 -6.93 -6.26
CA VAL A 11 -19.91 -7.35 -7.20
C VAL A 11 -20.58 -8.07 -8.37
N LEU A 12 -20.36 -7.55 -9.58
CA LEU A 12 -20.80 -8.18 -10.79
C LEU A 12 -19.65 -9.05 -11.29
N GLN A 13 -19.90 -10.36 -11.21
CA GLN A 13 -18.92 -11.38 -11.53
C GLN A 13 -19.67 -12.65 -11.96
N GLY A 14 -18.94 -13.61 -12.48
CA GLY A 14 -19.58 -14.76 -13.07
C GLY A 14 -18.71 -15.22 -14.20
N GLY A 15 -18.20 -16.43 -14.04
CA GLY A 15 -17.37 -17.08 -15.05
C GLY A 15 -16.10 -16.35 -15.46
N ASN A 16 -16.07 -15.95 -16.74
CA ASN A 16 -14.90 -15.33 -17.34
C ASN A 16 -14.91 -13.79 -17.27
N LYS A 17 -16.00 -13.22 -16.72
CA LYS A 17 -16.12 -11.78 -16.54
C LYS A 17 -15.06 -11.21 -15.59
N VAL A 18 -14.46 -10.07 -15.94
CA VAL A 18 -13.56 -9.36 -15.02
C VAL A 18 -14.51 -8.72 -14.00
N PRO A 19 -14.33 -8.98 -12.71
CA PRO A 19 -15.30 -8.49 -11.72
C PRO A 19 -15.38 -6.97 -11.62
N VAL A 20 -16.59 -6.47 -11.40
CA VAL A 20 -16.89 -5.06 -11.27
C VAL A 20 -17.45 -4.89 -9.87
N VAL A 21 -16.81 -4.04 -9.08
CA VAL A 21 -17.28 -3.71 -7.75
C VAL A 21 -18.12 -2.46 -7.86
N ASN A 22 -19.43 -2.61 -7.68
CA ASN A 22 -20.32 -1.48 -7.48
C ASN A 22 -20.20 -1.01 -6.02
N ILE A 23 -19.23 -0.12 -5.82
CA ILE A 23 -18.92 0.42 -4.53
C ILE A 23 -20.14 1.14 -3.92
N ALA A 24 -20.13 1.25 -2.60
CA ALA A 24 -21.13 1.98 -1.85
C ALA A 24 -21.09 3.46 -2.13
N ASP A 25 -22.25 4.10 -2.02
CA ASP A 25 -22.31 5.56 -2.16
C ASP A 25 -21.35 6.18 -1.13
N PRO A 26 -20.49 7.11 -1.53
CA PRO A 26 -19.58 7.73 -0.57
C PRO A 26 -20.29 8.62 0.43
N ASN A 27 -19.62 8.83 1.55
CA ASN A 27 -20.12 9.75 2.56
C ASN A 27 -19.86 11.18 2.13
N SER A 28 -20.15 12.11 3.04
CA SER A 28 -20.03 13.55 2.79
C SER A 28 -18.59 14.03 2.54
N GLY A 29 -17.62 13.25 3.03
CA GLY A 29 -16.22 13.49 2.79
C GLY A 29 -15.63 12.77 1.58
N GLY A 30 -16.45 12.10 0.79
CA GLY A 30 -16.06 11.46 -0.43
C GLY A 30 -15.53 10.05 -0.26
N VAL A 31 -15.65 9.50 0.94
CA VAL A 31 -15.12 8.14 1.17
C VAL A 31 -16.21 7.08 0.93
N SER A 32 -15.91 6.11 0.09
CA SER A 32 -16.79 4.97 -0.11
C SER A 32 -16.22 3.83 0.72
N HIS A 33 -16.94 3.41 1.75
CA HIS A 33 -16.50 2.40 2.69
C HIS A 33 -17.19 1.08 2.33
N ASN A 34 -16.41 0.15 1.79
CA ASN A 34 -16.91 -1.10 1.31
C ASN A 34 -16.39 -2.23 2.18
N LYS A 35 -17.30 -2.95 2.83
CA LYS A 35 -16.92 -4.10 3.66
C LYS A 35 -17.11 -5.35 2.86
N PHE A 36 -16.19 -6.28 3.04
CA PHE A 36 -16.18 -7.56 2.37
C PHE A 36 -15.91 -8.67 3.36
N GLN A 37 -16.63 -9.76 3.22
CA GLN A 37 -16.29 -11.00 3.91
C GLN A 37 -14.96 -11.58 3.41
N GLN A 38 -14.79 -11.52 2.07
CA GLN A 38 -13.60 -11.95 1.36
C GLN A 38 -13.26 -10.93 0.26
N PHE A 39 -12.00 -10.52 0.19
CA PHE A 39 -11.51 -9.64 -0.88
C PHE A 39 -10.21 -10.14 -1.48
N ASN A 40 -10.27 -10.50 -2.74
CA ASN A 40 -9.12 -10.97 -3.48
C ASN A 40 -9.24 -10.48 -4.90
N VAL A 41 -8.11 -10.22 -5.54
CA VAL A 41 -8.05 -9.81 -6.92
C VAL A 41 -7.05 -10.75 -7.63
N ALA A 42 -7.47 -11.25 -8.79
CA ALA A 42 -6.64 -12.11 -9.63
C ALA A 42 -6.56 -11.54 -11.02
N ASN A 43 -5.57 -11.95 -11.78
CA ASN A 43 -5.39 -11.45 -13.13
C ASN A 43 -6.69 -11.69 -13.93
N PRO A 44 -7.08 -10.75 -14.79
CA PRO A 44 -6.37 -9.50 -15.12
C PRO A 44 -6.56 -8.33 -14.14
N GLY A 45 -7.45 -8.50 -13.18
CA GLY A 45 -7.67 -7.54 -12.12
C GLY A 45 -9.11 -7.37 -11.75
N VAL A 46 -9.48 -6.16 -11.38
CA VAL A 46 -10.81 -5.83 -10.89
C VAL A 46 -11.11 -4.39 -11.30
N VAL A 47 -12.37 -4.10 -11.55
CA VAL A 47 -12.79 -2.74 -11.85
C VAL A 47 -13.63 -2.20 -10.68
N PHE A 48 -13.22 -1.07 -10.11
CA PHE A 48 -14.02 -0.37 -9.15
C PHE A 48 -14.91 0.63 -9.88
N ASN A 49 -16.21 0.51 -9.71
CA ASN A 49 -17.15 1.32 -10.51
C ASN A 49 -17.45 2.63 -9.84
N ASN A 50 -16.71 3.67 -10.23
CA ASN A 50 -16.96 5.03 -9.72
C ASN A 50 -17.60 5.89 -10.82
N GLY A 51 -18.47 5.26 -11.60
CA GLY A 51 -19.07 5.88 -12.77
C GLY A 51 -20.52 6.27 -12.55
N LEU A 52 -20.86 7.49 -12.95
CA LEU A 52 -22.26 7.95 -13.01
C LEU A 52 -22.89 7.73 -14.38
N THR A 53 -22.08 7.35 -15.36
CA THR A 53 -22.54 7.06 -16.70
C THR A 53 -22.02 5.73 -17.17
N ASP A 54 -22.72 5.15 -18.13
CA ASP A 54 -22.31 3.90 -18.76
C ASP A 54 -21.06 4.15 -19.59
N GLY A 55 -20.25 3.11 -19.76
CA GLY A 55 -19.01 3.27 -20.45
C GLY A 55 -18.28 1.98 -20.61
N VAL A 56 -16.97 2.10 -20.73
CA VAL A 56 -16.08 0.97 -20.99
C VAL A 56 -14.86 1.10 -20.10
N SER A 57 -14.51 0.02 -19.41
CA SER A 57 -13.25 0.00 -18.68
C SER A 57 -12.14 -0.58 -19.56
N ARG A 58 -10.90 -0.27 -19.24
CA ARG A 58 -9.75 -0.76 -19.99
C ARG A 58 -9.61 -2.27 -19.88
N ILE A 59 -9.69 -2.81 -18.67
CA ILE A 59 -9.50 -4.24 -18.51
C ILE A 59 -10.77 -5.10 -18.58
N GLY A 60 -11.93 -4.49 -18.41
CA GLY A 60 -13.18 -5.22 -18.26
C GLY A 60 -14.21 -5.02 -19.34
N GLY A 61 -13.97 -4.08 -20.26
CA GLY A 61 -14.94 -3.77 -21.30
C GLY A 61 -16.16 -3.04 -20.72
N ALA A 62 -17.28 -3.18 -21.41
CA ALA A 62 -18.47 -2.41 -21.12
C ALA A 62 -19.03 -2.63 -19.74
N LEU A 63 -19.49 -1.54 -19.14
CA LEU A 63 -20.23 -1.63 -17.91
C LEU A 63 -21.17 -0.46 -17.79
N THR A 64 -22.18 -0.61 -16.96
CA THR A 64 -23.14 0.46 -16.72
C THR A 64 -22.76 1.26 -15.51
N LYS A 65 -23.35 2.43 -15.37
CA LYS A 65 -23.13 3.24 -14.19
C LYS A 65 -23.42 2.43 -12.92
N ASN A 66 -22.79 2.84 -11.83
CA ASN A 66 -22.97 2.21 -10.54
C ASN A 66 -24.28 2.69 -9.91
N PRO A 67 -25.25 1.80 -9.76
CA PRO A 67 -26.57 2.23 -9.28
C PRO A 67 -26.59 2.73 -7.85
N ASN A 68 -25.55 2.45 -7.06
CA ASN A 68 -25.45 2.92 -5.69
C ASN A 68 -25.13 4.40 -5.57
N LEU A 69 -24.48 4.97 -6.59
CA LEU A 69 -23.90 6.30 -6.48
C LEU A 69 -24.91 7.43 -6.68
N THR A 70 -24.91 8.36 -5.73
CA THR A 70 -25.50 9.69 -5.89
C THR A 70 -24.40 10.74 -6.15
N ARG A 71 -23.15 10.36 -5.87
CA ARG A 71 -21.97 11.15 -6.19
C ARG A 71 -20.80 10.18 -6.29
N GLN A 72 -19.72 10.66 -6.89
CA GLN A 72 -18.52 9.87 -7.04
C GLN A 72 -17.63 9.97 -5.81
N ALA A 73 -16.93 8.88 -5.52
CA ALA A 73 -15.97 8.85 -4.45
C ALA A 73 -14.66 9.55 -4.76
N SER A 74 -14.07 10.17 -3.75
CA SER A 74 -12.66 10.57 -3.80
C SER A 74 -11.68 9.53 -3.19
N ALA A 75 -12.19 8.60 -2.38
CA ALA A 75 -11.39 7.53 -1.78
C ALA A 75 -12.29 6.31 -1.69
N ILE A 76 -11.77 5.17 -2.11
CA ILE A 76 -12.48 3.92 -2.10
C ILE A 76 -11.70 2.99 -1.16
N LEU A 77 -12.35 2.64 -0.05
CA LEU A 77 -11.84 1.73 0.93
C LEU A 77 -12.55 0.38 0.79
N ALA A 78 -11.77 -0.68 0.67
CA ALA A 78 -12.22 -2.04 0.70
C ALA A 78 -11.64 -2.63 1.97
N GLU A 79 -12.50 -2.99 2.92
CA GLU A 79 -12.10 -3.52 4.22
C GLU A 79 -12.63 -4.93 4.38
N VAL A 80 -11.76 -5.88 4.67
CA VAL A 80 -12.18 -7.25 4.93
C VAL A 80 -12.54 -7.39 6.40
N THR A 81 -13.76 -7.92 6.65
CA THR A 81 -14.28 -8.05 8.01
C THR A 81 -14.18 -9.45 8.62
N ASP A 82 -13.88 -10.47 7.84
CA ASP A 82 -13.82 -11.85 8.37
C ASP A 82 -12.38 -12.26 8.63
N THR A 83 -12.02 -13.55 8.50
CA THR A 83 -10.72 -14.02 9.05
C THR A 83 -9.65 -14.35 8.02
N SER A 84 -9.99 -14.25 6.73
CA SER A 84 -9.11 -14.70 5.65
C SER A 84 -8.27 -13.53 5.17
N PRO A 85 -7.01 -13.78 4.82
CA PRO A 85 -6.17 -12.76 4.16
C PRO A 85 -6.62 -12.47 2.73
N SER A 86 -5.99 -11.48 2.10
CA SER A 86 -6.28 -11.10 0.71
C SER A 86 -5.07 -11.35 -0.17
N ARG A 87 -5.31 -11.83 -1.37
CA ARG A 87 -4.30 -11.87 -2.40
C ARG A 87 -4.69 -10.85 -3.46
N LEU A 88 -3.70 -10.10 -3.95
CA LEU A 88 -3.89 -9.09 -5.00
C LEU A 88 -2.90 -9.28 -6.13
N ALA A 89 -3.45 -9.52 -7.31
CA ALA A 89 -2.69 -9.68 -8.55
C ALA A 89 -3.50 -9.12 -9.67
N GLY A 90 -2.82 -8.41 -10.58
CA GLY A 90 -3.41 -7.81 -11.76
C GLY A 90 -3.59 -6.32 -11.58
N THR A 91 -4.51 -5.74 -12.33
CA THR A 91 -4.70 -4.28 -12.36
C THR A 91 -5.90 -3.89 -11.54
N LEU A 92 -5.72 -2.93 -10.65
CA LEU A 92 -6.82 -2.31 -9.93
C LEU A 92 -7.22 -1.08 -10.75
N GLU A 93 -8.32 -1.19 -11.47
CA GLU A 93 -8.81 -0.12 -12.31
C GLU A 93 -9.99 0.58 -11.64
N VAL A 94 -9.96 1.91 -11.67
CA VAL A 94 -11.09 2.71 -11.26
C VAL A 94 -11.77 3.21 -12.52
N TYR A 95 -13.02 2.80 -12.71
CA TYR A 95 -13.84 3.32 -13.79
C TYR A 95 -14.56 4.57 -13.27
N GLY A 96 -14.47 5.62 -14.07
CA GLY A 96 -15.12 6.90 -13.73
C GLY A 96 -14.12 7.90 -13.18
N LYS A 97 -14.49 8.58 -12.12
CA LYS A 97 -13.62 9.57 -11.50
C LYS A 97 -12.48 8.84 -10.79
N GLY A 98 -11.27 9.31 -11.02
CA GLY A 98 -10.13 8.78 -10.28
C GLY A 98 -10.29 8.97 -8.78
N ALA A 99 -9.80 8.00 -8.02
CA ALA A 99 -9.92 8.06 -6.56
C ALA A 99 -8.74 7.36 -5.89
N ASP A 100 -8.48 7.71 -4.63
CA ASP A 100 -7.59 6.92 -3.79
C ASP A 100 -8.17 5.52 -3.57
N LEU A 101 -7.29 4.53 -3.55
CA LEU A 101 -7.65 3.16 -3.21
C LEU A 101 -6.97 2.80 -1.91
N ILE A 102 -7.74 2.22 -1.00
CA ILE A 102 -7.23 1.68 0.26
C ILE A 102 -7.79 0.29 0.39
N ILE A 103 -6.91 -0.69 0.52
CA ILE A 103 -7.27 -2.09 0.74
C ILE A 103 -6.77 -2.47 2.13
N ALA A 104 -7.70 -2.81 3.02
CA ALA A 104 -7.41 -3.08 4.44
C ALA A 104 -7.84 -4.47 4.82
N ASN A 105 -6.90 -5.28 5.28
CA ASN A 105 -7.23 -6.62 5.75
C ASN A 105 -6.26 -6.98 6.91
N PRO A 106 -6.72 -6.88 8.15
CA PRO A 106 -5.87 -7.21 9.29
C PRO A 106 -5.29 -8.62 9.29
N ASN A 107 -5.88 -9.52 8.54
CA ASN A 107 -5.40 -10.90 8.46
C ASN A 107 -4.17 -11.07 7.61
N GLY A 108 -3.88 -10.07 6.76
CA GLY A 108 -2.75 -10.11 5.88
C GLY A 108 -3.09 -9.85 4.43
N ILE A 109 -2.08 -9.40 3.69
CA ILE A 109 -2.22 -9.24 2.24
C ILE A 109 -0.97 -9.75 1.55
N SER A 110 -1.16 -10.54 0.50
CA SER A 110 -0.05 -10.91 -0.37
C SER A 110 -0.29 -10.29 -1.74
N VAL A 111 0.80 -9.82 -2.35
CA VAL A 111 0.75 -9.04 -3.57
C VAL A 111 1.68 -9.66 -4.60
N ASN A 112 1.17 -9.89 -5.82
CA ASN A 112 2.01 -10.46 -6.88
C ASN A 112 1.67 -9.90 -8.25
N GLY A 113 2.49 -8.99 -8.74
CA GLY A 113 2.28 -8.41 -10.05
C GLY A 113 1.06 -7.48 -10.08
N LEU A 114 1.10 -6.48 -9.22
CA LEU A 114 -0.02 -5.56 -9.02
C LEU A 114 0.25 -4.25 -9.76
N SER A 115 -0.78 -3.71 -10.40
CA SER A 115 -0.69 -2.37 -11.01
C SER A 115 -2.02 -1.66 -10.80
N THR A 116 -2.12 -0.43 -11.29
CA THR A 116 -3.36 0.34 -11.18
C THR A 116 -3.63 1.13 -12.45
N LEU A 117 -4.89 1.55 -12.61
CA LEU A 117 -5.30 2.44 -13.67
C LEU A 117 -6.34 3.37 -13.08
N ASN A 118 -6.11 4.67 -13.20
CA ASN A 118 -7.04 5.70 -12.77
C ASN A 118 -7.25 5.70 -11.26
N ALA A 119 -6.27 5.20 -10.51
CA ALA A 119 -6.20 5.40 -9.07
C ALA A 119 -5.25 6.55 -8.80
N SER A 120 -5.67 7.48 -7.94
CA SER A 120 -4.83 8.60 -7.59
C SER A 120 -3.60 8.17 -6.80
N ASN A 121 -3.85 7.27 -5.85
CA ASN A 121 -2.87 6.77 -4.88
C ASN A 121 -3.36 5.40 -4.43
N LEU A 122 -2.47 4.60 -3.85
CA LEU A 122 -2.81 3.26 -3.37
C LEU A 122 -2.19 2.99 -2.03
N THR A 123 -3.00 2.56 -1.06
CA THR A 123 -2.55 2.10 0.25
C THR A 123 -2.99 0.67 0.48
N LEU A 124 -2.03 -0.19 0.87
CA LEU A 124 -2.28 -1.57 1.25
C LEU A 124 -1.98 -1.66 2.73
N THR A 125 -2.95 -2.12 3.51
CA THR A 125 -2.80 -2.06 4.96
C THR A 125 -3.39 -3.28 5.65
N THR A 126 -2.78 -3.66 6.78
CA THR A 126 -3.44 -4.58 7.69
C THR A 126 -4.06 -3.85 8.86
N GLY A 127 -4.12 -2.53 8.81
CA GLY A 127 -4.85 -1.75 9.81
C GLY A 127 -6.36 -1.87 9.73
N ARG A 128 -7.01 -1.80 10.89
CA ARG A 128 -8.44 -1.68 10.95
C ARG A 128 -8.84 -0.21 10.74
N PRO A 129 -9.66 0.08 9.74
CA PRO A 129 -10.02 1.48 9.47
C PRO A 129 -11.01 2.05 10.45
N SER A 130 -10.80 3.29 10.84
CA SER A 130 -11.83 4.10 11.48
C SER A 130 -12.11 5.25 10.54
N VAL A 131 -13.34 5.38 10.08
CA VAL A 131 -13.73 6.39 9.10
C VAL A 131 -14.73 7.39 9.74
N ASN A 132 -14.37 8.67 9.70
CA ASN A 132 -15.18 9.78 10.20
C ASN A 132 -15.26 10.80 9.09
N GLY A 133 -16.28 10.70 8.26
CA GLY A 133 -16.39 11.52 7.07
C GLY A 133 -15.20 11.31 6.20
N GLY A 134 -14.51 12.41 5.90
CA GLY A 134 -13.33 12.37 5.04
C GLY A 134 -12.08 11.82 5.70
N ARG A 135 -12.08 11.68 7.02
CA ARG A 135 -10.88 11.29 7.76
C ARG A 135 -10.84 9.78 7.96
N ILE A 136 -9.75 9.16 7.51
CA ILE A 136 -9.57 7.72 7.63
C ILE A 136 -8.33 7.47 8.47
N GLY A 137 -8.49 6.80 9.60
CA GLY A 137 -7.37 6.34 10.40
C GLY A 137 -7.26 4.85 10.27
N LEU A 138 -6.03 4.35 10.27
CA LEU A 138 -5.78 2.93 10.12
C LEU A 138 -5.05 2.46 11.35
N ASP A 139 -5.67 1.60 12.14
CA ASP A 139 -5.05 1.15 13.39
C ASP A 139 -4.44 -0.20 13.14
N VAL A 140 -3.14 -0.18 13.00
CA VAL A 140 -2.37 -1.39 12.77
C VAL A 140 -1.97 -2.04 14.09
N GLN A 141 -2.50 -3.22 14.34
CA GLN A 141 -2.10 -4.02 15.50
C GLN A 141 -1.62 -5.41 15.13
N GLN A 142 -1.89 -5.85 13.91
CA GLN A 142 -1.48 -7.17 13.46
C GLN A 142 -1.39 -7.21 11.96
N GLY A 143 -0.82 -8.30 11.43
CA GLY A 143 -0.87 -8.61 10.01
C GLY A 143 0.40 -8.30 9.28
N THR A 144 0.66 -9.10 8.25
CA THR A 144 1.80 -8.92 7.35
C THR A 144 1.34 -8.59 5.93
N VAL A 145 2.05 -7.71 5.24
CA VAL A 145 1.91 -7.55 3.79
C VAL A 145 3.18 -8.12 3.19
N THR A 146 3.01 -9.04 2.26
CA THR A 146 4.12 -9.61 1.52
C THR A 146 4.04 -9.23 0.05
N ILE A 147 5.10 -8.60 -0.45
CA ILE A 147 5.22 -8.33 -1.85
C ILE A 147 6.02 -9.51 -2.42
N GLU A 148 5.36 -10.32 -3.21
CA GLU A 148 5.96 -11.48 -3.86
C GLU A 148 6.76 -11.08 -5.09
N ARG A 149 7.39 -12.07 -5.71
CA ARG A 149 8.33 -11.80 -6.81
C ARG A 149 7.81 -10.99 -8.00
N GLY A 150 6.51 -11.06 -8.28
CA GLY A 150 5.87 -10.30 -9.36
C GLY A 150 5.86 -8.79 -9.15
N GLY A 151 5.87 -8.39 -7.88
CA GLY A 151 6.15 -7.01 -7.53
C GLY A 151 4.95 -6.12 -7.70
N VAL A 152 5.23 -4.83 -7.63
CA VAL A 152 4.24 -3.78 -7.77
C VAL A 152 4.74 -2.77 -8.79
N ASN A 153 3.88 -2.50 -9.75
CA ASN A 153 4.03 -1.38 -10.68
C ASN A 153 3.18 -0.20 -10.17
N ALA A 154 3.85 0.82 -9.65
CA ALA A 154 3.19 1.99 -9.05
C ALA A 154 2.98 3.17 -10.02
N THR A 155 3.28 2.95 -11.30
CA THR A 155 3.21 3.98 -12.30
C THR A 155 1.84 4.64 -12.26
N GLY A 156 1.82 5.97 -12.21
CA GLY A 156 0.54 6.69 -12.26
C GLY A 156 -0.04 7.08 -10.91
N LEU A 157 0.54 6.55 -9.84
CA LEU A 157 0.13 6.89 -8.47
C LEU A 157 0.95 8.04 -7.93
N GLY A 158 0.35 8.86 -7.08
CA GLY A 158 1.15 9.81 -6.36
C GLY A 158 2.03 9.13 -5.32
N TYR A 159 1.43 8.23 -4.55
CA TYR A 159 2.19 7.35 -3.64
C TYR A 159 1.58 5.97 -3.62
N PHE A 160 2.44 5.03 -3.21
CA PHE A 160 2.09 3.66 -2.91
C PHE A 160 2.58 3.45 -1.50
N ASP A 161 1.64 3.19 -0.58
CA ASP A 161 1.94 3.03 0.84
C ASP A 161 1.55 1.62 1.25
N VAL A 162 2.44 1.01 2.01
CA VAL A 162 2.22 -0.31 2.61
C VAL A 162 2.35 -0.12 4.11
N VAL A 163 1.26 -0.36 4.84
CA VAL A 163 1.16 -0.03 6.27
C VAL A 163 0.65 -1.27 7.04
N ALA A 164 1.53 -1.92 7.78
CA ALA A 164 1.22 -3.25 8.33
C ALA A 164 2.05 -3.48 9.57
N ARG A 165 1.75 -4.57 10.29
CA ARG A 165 2.54 -4.84 11.47
C ARG A 165 3.94 -5.27 11.06
N LEU A 166 3.98 -6.16 10.08
CA LEU A 166 5.22 -6.61 9.46
C LEU A 166 5.12 -6.50 7.95
N VAL A 167 6.25 -6.32 7.30
CA VAL A 167 6.27 -6.22 5.84
C VAL A 167 7.44 -7.04 5.29
N LYS A 168 7.16 -7.86 4.30
CA LYS A 168 8.19 -8.64 3.59
C LYS A 168 8.23 -8.18 2.13
N LEU A 169 9.42 -7.83 1.66
CA LEU A 169 9.62 -7.31 0.32
C LEU A 169 10.47 -8.29 -0.47
N GLN A 170 9.79 -9.11 -1.27
CA GLN A 170 10.41 -10.17 -2.07
C GLN A 170 10.16 -10.00 -3.57
N GLY A 171 9.85 -8.76 -3.96
CA GLY A 171 9.66 -8.38 -5.35
C GLY A 171 9.78 -6.87 -5.44
N ALA A 172 9.99 -6.37 -6.65
CA ALA A 172 10.32 -4.96 -6.83
C ALA A 172 9.10 -4.07 -6.74
N VAL A 173 9.30 -2.87 -6.22
CA VAL A 173 8.26 -1.84 -6.23
C VAL A 173 8.86 -0.70 -7.01
N SER A 174 8.26 -0.38 -8.14
CA SER A 174 8.83 0.65 -9.03
C SER A 174 7.78 1.28 -9.90
N SER A 175 8.15 2.38 -10.52
CA SER A 175 7.37 2.89 -11.60
C SER A 175 8.22 2.73 -12.85
N LYS A 176 7.56 2.74 -13.99
CA LYS A 176 8.25 2.44 -15.23
C LYS A 176 9.17 3.58 -15.63
N GLN A 177 10.26 3.16 -16.29
CA GLN A 177 11.37 4.01 -16.61
C GLN A 177 10.87 5.23 -17.39
N GLY A 178 11.19 6.42 -16.89
CA GLY A 178 10.76 7.64 -17.53
C GLY A 178 9.31 8.09 -17.38
N LYS A 179 8.51 7.32 -16.64
CA LYS A 179 7.08 7.60 -16.46
C LYS A 179 6.88 8.28 -15.10
N PRO A 180 5.66 8.74 -14.80
CA PRO A 180 5.43 9.47 -13.55
C PRO A 180 5.78 8.60 -12.39
N LEU A 181 6.70 9.05 -11.55
CA LEU A 181 7.19 8.18 -10.48
C LEU A 181 6.44 8.37 -9.18
N ALA A 182 5.94 7.26 -8.65
CA ALA A 182 5.26 7.28 -7.35
C ALA A 182 6.23 7.40 -6.20
N ASP A 183 5.84 8.09 -5.14
CA ASP A 183 6.49 7.91 -3.85
C ASP A 183 6.16 6.53 -3.29
N ILE A 184 7.04 6.03 -2.45
CA ILE A 184 6.84 4.73 -1.79
C ILE A 184 7.04 4.96 -0.29
N ALA A 185 6.08 4.51 0.50
CA ALA A 185 6.25 4.46 1.96
C ALA A 185 5.89 3.09 2.45
N VAL A 186 6.76 2.53 3.28
CA VAL A 186 6.51 1.26 3.95
C VAL A 186 6.57 1.59 5.45
N VAL A 187 5.48 1.36 6.16
CA VAL A 187 5.34 1.76 7.57
C VAL A 187 4.94 0.53 8.35
N ALA A 188 5.87 0.04 9.18
CA ALA A 188 5.66 -1.16 9.96
C ALA A 188 5.56 -0.86 11.43
N GLY A 189 4.86 -1.72 12.14
CA GLY A 189 4.72 -1.60 13.59
C GLY A 189 3.29 -1.30 14.00
N ALA A 190 3.10 -1.21 15.31
CA ALA A 190 1.80 -0.88 15.88
C ALA A 190 1.66 0.61 15.83
N ASN A 191 0.86 1.05 14.87
CA ASN A 191 0.68 2.46 14.57
C ASN A 191 -0.75 2.80 14.26
N ARG A 192 -1.16 4.01 14.59
CA ARG A 192 -2.27 4.60 13.90
C ARG A 192 -1.66 5.38 12.74
N TYR A 193 -2.13 5.10 11.53
CA TYR A 193 -1.73 5.85 10.36
C TYR A 193 -2.87 6.69 9.85
N ASP A 194 -2.66 8.00 9.87
CA ASP A 194 -3.66 8.90 9.35
C ASP A 194 -3.54 9.00 7.83
N HIS A 195 -4.58 8.63 7.12
CA HIS A 195 -4.54 8.58 5.66
C HIS A 195 -4.35 9.96 5.02
N ALA A 196 -4.94 11.00 5.62
CA ALA A 196 -4.79 12.33 4.99
C ALA A 196 -3.40 12.93 5.15
N THR A 197 -2.74 12.73 6.30
CA THR A 197 -1.40 13.32 6.54
C THR A 197 -0.24 12.37 6.26
N ARG A 198 -0.57 11.09 6.09
CA ARG A 198 0.43 10.02 5.99
C ARG A 198 1.44 10.04 7.14
N ARG A 199 0.91 10.31 8.36
CA ARG A 199 1.73 10.26 9.57
C ARG A 199 1.36 9.05 10.41
N ALA A 200 2.39 8.41 10.95
CA ALA A 200 2.24 7.27 11.85
C ALA A 200 2.50 7.70 13.28
N THR A 201 1.61 7.33 14.18
CA THR A 201 1.86 7.51 15.59
C THR A 201 1.76 6.16 16.26
N PRO A 202 2.77 5.76 17.04
CA PRO A 202 2.72 4.47 17.69
C PRO A 202 1.50 4.29 18.59
N ILE A 203 0.93 3.09 18.55
CA ILE A 203 -0.20 2.75 19.42
C ILE A 203 0.11 1.43 20.17
N ALA A 204 -0.63 1.18 21.23
CA ALA A 204 -0.54 -0.07 21.96
C ALA A 204 -1.19 -1.24 21.20
N ALA A 205 -0.59 -2.39 21.31
CA ALA A 205 -1.18 -3.59 20.74
C ALA A 205 -1.17 -4.68 21.76
N GLY A 206 -1.96 -5.69 21.47
CA GLY A 206 -2.15 -6.81 22.37
C GLY A 206 -1.02 -7.78 22.38
N ALA A 207 -0.22 -7.76 21.32
CA ALA A 207 0.96 -8.57 21.25
C ALA A 207 2.04 -7.83 20.48
N ARG A 208 3.25 -8.33 20.63
CA ARG A 208 4.38 -7.88 19.82
C ARG A 208 4.21 -8.26 18.36
N GLY A 209 4.92 -7.53 17.51
CA GLY A 209 4.92 -7.83 16.09
C GLY A 209 5.79 -9.04 15.84
N ALA A 210 6.91 -9.10 16.56
CA ALA A 210 7.89 -10.18 16.49
C ALA A 210 8.83 -9.98 17.67
N ALA A 211 9.79 -10.88 17.82
CA ALA A 211 10.80 -10.77 18.86
C ALA A 211 11.78 -9.63 18.64
N ALA A 212 12.36 -9.17 19.74
CA ALA A 212 13.46 -8.23 19.68
C ALA A 212 14.54 -8.75 18.70
N GLY A 213 15.04 -7.87 17.84
CA GLY A 213 16.01 -8.25 16.83
C GLY A 213 15.47 -8.83 15.53
N ALA A 214 14.19 -9.22 15.51
CA ALA A 214 13.56 -9.70 14.28
C ALA A 214 13.31 -8.46 13.44
N TYR A 215 12.97 -8.69 12.16
CA TYR A 215 12.86 -7.62 11.20
C TYR A 215 11.40 -7.28 10.95
N ALA A 216 10.99 -6.06 11.29
CA ALA A 216 9.65 -5.58 10.99
C ALA A 216 9.44 -5.31 9.50
N ILE A 217 10.50 -4.90 8.83
CA ILE A 217 10.54 -4.79 7.36
C ILE A 217 11.71 -5.66 6.98
N ASP A 218 11.47 -6.61 6.09
CA ASP A 218 12.53 -7.47 5.61
C ASP A 218 12.44 -7.60 4.11
N GLY A 219 13.37 -6.93 3.42
CA GLY A 219 13.46 -7.00 1.97
C GLY A 219 14.68 -7.80 1.55
N THR A 220 14.49 -8.71 0.61
CA THR A 220 15.59 -9.46 0.00
C THR A 220 16.15 -8.71 -1.20
N ALA A 221 17.16 -9.29 -1.84
CA ALA A 221 17.71 -8.70 -3.04
C ALA A 221 16.65 -8.45 -4.10
N ALA A 222 15.60 -9.28 -4.12
CA ALA A 222 14.52 -9.15 -5.10
C ALA A 222 13.63 -7.91 -4.82
N GLY A 223 13.68 -7.39 -3.60
CA GLY A 223 12.81 -6.30 -3.16
C GLY A 223 13.38 -4.92 -3.48
N ALA A 224 13.98 -4.75 -4.65
CA ALA A 224 14.50 -3.45 -5.07
C ALA A 224 13.35 -2.44 -5.20
N MET A 225 13.63 -1.19 -4.88
CA MET A 225 12.62 -0.13 -4.96
C MET A 225 13.13 1.08 -5.71
N TYR A 226 12.22 1.68 -6.49
CA TYR A 226 12.48 2.89 -7.25
C TYR A 226 11.28 3.82 -7.07
N GLY A 227 11.49 4.94 -6.38
CA GLY A 227 10.41 5.85 -6.05
C GLY A 227 10.90 7.28 -5.94
N LYS A 228 9.97 8.21 -6.13
CA LYS A 228 10.30 9.65 -6.14
C LYS A 228 10.92 10.07 -4.82
N HIS A 229 10.27 9.69 -3.74
CA HIS A 229 10.81 9.63 -2.41
C HIS A 229 10.49 8.24 -1.91
N ILE A 230 11.43 7.64 -1.20
CA ILE A 230 11.24 6.35 -0.53
C ILE A 230 11.39 6.55 0.97
N THR A 231 10.40 6.07 1.72
CA THR A 231 10.42 6.16 3.16
C THR A 231 10.13 4.78 3.74
N LEU A 232 11.00 4.32 4.63
CA LEU A 232 10.82 3.09 5.40
C LEU A 232 10.82 3.42 6.87
N VAL A 233 9.75 3.02 7.54
CA VAL A 233 9.54 3.34 8.94
C VAL A 233 9.15 2.06 9.69
N SER A 234 9.80 1.83 10.83
CA SER A 234 9.48 0.74 11.74
C SER A 234 9.40 1.37 13.12
N SER A 235 8.26 1.24 13.77
CA SER A 235 8.05 1.93 15.03
C SER A 235 8.14 1.05 16.28
N ASP A 236 8.08 -0.28 16.15
CA ASP A 236 8.13 -1.16 17.34
C ASP A 236 9.55 -1.23 17.92
N SER A 237 9.69 -0.99 19.23
CA SER A 237 11.01 -0.96 19.86
C SER A 237 11.71 -2.31 19.69
N GLY A 238 12.96 -2.25 19.24
CA GLY A 238 13.77 -3.45 19.16
C GLY A 238 13.69 -4.20 17.86
N LEU A 239 12.80 -3.80 16.96
CA LEU A 239 12.62 -4.55 15.69
C LEU A 239 13.40 -3.84 14.59
N GLY A 240 13.89 -4.61 13.60
CA GLY A 240 14.80 -4.07 12.61
C GLY A 240 14.17 -3.77 11.29
N VAL A 241 14.84 -2.91 10.52
CA VAL A 241 14.57 -2.76 9.12
C VAL A 241 15.75 -3.34 8.36
N ARG A 242 15.49 -4.40 7.62
CA ARG A 242 16.48 -5.01 6.74
C ARG A 242 15.96 -4.87 5.33
N GLN A 243 16.75 -4.24 4.49
CA GLN A 243 16.37 -4.05 3.10
C GLN A 243 17.60 -4.21 2.26
N LEU A 244 17.79 -5.43 1.75
CA LEU A 244 18.94 -5.76 0.92
C LEU A 244 18.70 -5.45 -0.55
N GLY A 245 17.44 -5.28 -0.95
CA GLY A 245 17.06 -4.78 -2.27
C GLY A 245 17.56 -3.36 -2.51
N SER A 246 18.15 -3.08 -3.67
CA SER A 246 18.70 -1.76 -3.97
C SER A 246 17.61 -0.72 -3.91
N LEU A 247 17.92 0.46 -3.36
CA LEU A 247 16.98 1.56 -3.29
C LEU A 247 17.50 2.63 -4.22
N SER A 248 16.59 3.19 -5.01
CA SER A 248 16.95 4.24 -5.95
C SER A 248 15.90 5.30 -5.94
N SER A 249 16.28 6.58 -5.81
CA SER A 249 15.30 7.66 -5.77
C SER A 249 15.85 8.98 -6.32
N PRO A 250 15.09 9.70 -7.13
CA PRO A 250 15.55 11.03 -7.53
C PRO A 250 15.71 12.00 -6.39
N SER A 251 14.91 11.88 -5.33
CA SER A 251 14.79 13.01 -4.39
C SER A 251 15.00 12.73 -2.91
N ALA A 252 14.74 11.51 -2.43
CA ALA A 252 15.02 11.21 -1.02
C ALA A 252 14.85 9.74 -0.70
N ILE A 253 15.70 9.27 0.19
CA ILE A 253 15.51 8.00 0.88
C ILE A 253 15.63 8.28 2.37
N THR A 254 14.61 7.91 3.09
CA THR A 254 14.57 8.09 4.53
C THR A 254 14.20 6.78 5.19
N VAL A 255 15.02 6.36 6.15
CA VAL A 255 14.70 5.17 6.96
C VAL A 255 14.73 5.54 8.43
N SER A 256 13.67 5.19 9.15
CA SER A 256 13.53 5.43 10.59
C SER A 256 13.20 4.09 11.24
N SER A 257 13.96 3.71 12.26
CA SER A 257 13.74 2.47 12.95
C SER A 257 13.88 2.64 14.44
N GLN A 258 13.05 1.94 15.20
CA GLN A 258 13.21 1.87 16.67
C GLN A 258 14.06 0.67 17.07
N GLY A 259 14.73 0.08 16.08
CA GLY A 259 15.79 -0.90 16.28
C GLY A 259 16.86 -0.73 15.24
N GLU A 260 17.35 -1.85 14.72
CA GLU A 260 18.41 -1.91 13.71
C GLU A 260 17.94 -1.39 12.35
N ILE A 261 18.92 -0.93 11.58
CA ILE A 261 18.75 -0.76 10.14
C ILE A 261 19.92 -1.43 9.46
N ALA A 262 19.63 -2.22 8.43
CA ALA A 262 20.64 -2.87 7.62
C ALA A 262 20.22 -2.73 6.15
N LEU A 263 20.92 -1.89 5.41
CA LEU A 263 20.61 -1.71 3.98
C LEU A 263 21.72 -2.29 3.14
N GLY A 264 21.37 -2.54 1.89
CA GLY A 264 22.34 -2.76 0.83
C GLY A 264 22.74 -1.46 0.17
N ASP A 265 22.63 -1.40 -1.14
CA ASP A 265 22.94 -0.19 -1.91
C ASP A 265 21.76 0.78 -1.85
N ALA A 266 22.04 2.07 -1.69
CA ALA A 266 20.97 3.08 -1.77
C ALA A 266 21.55 4.33 -2.40
N THR A 267 20.79 4.92 -3.33
CA THR A 267 21.24 6.07 -4.09
C THR A 267 20.14 7.07 -4.24
N VAL A 268 20.45 8.33 -3.99
CA VAL A 268 19.51 9.41 -4.27
C VAL A 268 20.16 10.35 -5.25
N GLN A 269 19.44 10.76 -6.31
CA GLN A 269 20.07 11.60 -7.36
C GLN A 269 20.27 13.05 -6.92
N ARG A 270 19.24 13.61 -6.30
CA ARG A 270 19.20 15.05 -5.97
C ARG A 270 18.41 15.22 -4.68
N GLY A 271 19.01 14.78 -3.60
CA GLY A 271 18.39 14.91 -2.28
C GLY A 271 19.07 14.11 -1.20
N PRO A 272 18.51 14.14 0.02
CA PRO A 272 19.12 13.51 1.17
C PRO A 272 18.85 12.02 1.29
N LEU A 273 19.85 11.32 1.80
CA LEU A 273 19.76 9.94 2.22
C LEU A 273 19.92 9.97 3.75
N SER A 274 18.87 9.64 4.48
CA SER A 274 18.90 9.75 5.93
C SER A 274 18.46 8.45 6.60
N LEU A 275 19.30 7.94 7.49
CA LEU A 275 19.03 6.72 8.24
C LEU A 275 19.07 7.00 9.75
N LYS A 276 17.99 6.72 10.43
CA LYS A 276 17.94 7.01 11.84
C LYS A 276 17.39 5.79 12.55
N GLY A 277 18.24 5.13 13.34
CA GLY A 277 17.81 3.98 14.10
C GLY A 277 18.16 3.99 15.56
N ALA A 278 17.43 3.22 16.35
CA ALA A 278 17.76 3.09 17.75
C ALA A 278 18.92 2.10 17.94
N GLY A 279 18.98 1.06 17.15
CA GLY A 279 20.05 0.10 17.22
C GLY A 279 21.17 0.40 16.21
N VAL A 280 21.89 -0.66 15.85
CA VAL A 280 22.97 -0.56 14.88
C VAL A 280 22.40 -0.25 13.51
N VAL A 281 22.95 0.76 12.86
CA VAL A 281 22.53 1.16 11.52
C VAL A 281 23.69 0.95 10.59
N SER A 282 23.48 0.17 9.53
CA SER A 282 24.52 -0.09 8.54
C SER A 282 23.99 -0.06 7.12
N ALA A 283 24.87 0.27 6.18
CA ALA A 283 24.50 0.30 4.77
C ALA A 283 25.72 -0.09 3.95
N GLY A 284 25.43 -0.78 2.86
CA GLY A 284 26.40 -1.27 1.89
C GLY A 284 27.17 -0.21 1.11
N LYS A 285 26.60 0.32 0.03
CA LYS A 285 27.15 1.49 -0.68
C LYS A 285 26.05 2.55 -0.74
N LEU A 286 26.33 3.73 -0.22
CA LEU A 286 25.40 4.85 -0.30
C LEU A 286 25.96 5.92 -1.27
N ALA A 287 25.08 6.54 -2.03
CA ALA A 287 25.50 7.65 -2.89
C ALA A 287 24.40 8.64 -3.02
N SER A 288 24.79 9.93 -3.10
CA SER A 288 23.86 11.02 -3.34
C SER A 288 24.53 11.91 -4.40
N GLY A 289 23.79 12.28 -5.45
CA GLY A 289 24.40 13.01 -6.56
C GLY A 289 24.78 14.44 -6.23
N GLY A 290 24.26 14.89 -5.09
CA GLY A 290 24.48 16.20 -4.51
C GLY A 290 24.51 16.00 -3.00
N GLY A 291 25.23 14.96 -2.64
CA GLY A 291 25.73 14.75 -1.31
C GLY A 291 25.06 15.19 -0.02
N ALA A 292 23.89 14.66 0.27
CA ALA A 292 23.40 14.74 1.63
C ALA A 292 23.22 13.29 2.09
N VAL A 293 24.07 12.85 3.01
CA VAL A 293 24.00 11.50 3.56
C VAL A 293 24.18 11.53 5.09
N ASN A 294 23.17 11.08 5.81
CA ASN A 294 23.25 11.05 7.26
C ASN A 294 22.88 9.67 7.78
N VAL A 295 23.66 9.20 8.74
CA VAL A 295 23.50 7.86 9.31
C VAL A 295 23.65 7.97 10.82
N ALA A 296 22.66 7.49 11.57
CA ALA A 296 22.65 7.74 13.02
C ALA A 296 21.88 6.70 13.81
N GLY A 297 22.63 5.86 14.51
CA GLY A 297 22.05 4.89 15.40
C GLY A 297 21.95 5.39 16.83
#